data_5H08
#
_entry.id   5H08
#
_cell.length_a   53.776
_cell.length_b   72.306
_cell.length_c   90.796
_cell.angle_alpha   90.00
_cell.angle_beta   90.00
_cell.angle_gamma   90.00
#
_symmetry.space_group_name_H-M   'P 21 21 21'
#
loop_
_entity.id
_entity.type
_entity.pdbx_description
1 polymer 'Receptor-type tyrosine-protein phosphatase zeta'
2 non-polymer 3-{[2-Ethoxy-5-(trifluoromethyl)benzyl]sulfanyl}-N-(phenylsulfonyl)thiophene-2-carboxamide
3 water water
#
_entity_poly.entity_id   1
_entity_poly.type   'polypeptide(L)'
_entity_poly.pdbx_seq_one_letter_code
;GPAIPIKHFPKHVADLHASSGFTEEFEEVQSCTVDLGITADSSNHPDNKHKNRYINIVAYDHSRVKLAQLAEKDGKLTDY
INANYVDGYNRPKAYIAAQGPLKSTAEDFWRMIWEHNVEVIVMITNLVEKGRRKCDQYWPADGSEEYGNFLVTQKSVQVL
AYYTVRNFTLRNTKIKKGSQKGRPSGRVVTQYHYTQWPDMGVPEYSLPVLTFVRKAAYAKRHAVGPVVVHCSAGVGRTGT
YIVLDSMLQQIQHEGTVNIFGFLKHIRSQRNYLVQTEEQYVFIHDTLVEAILSKETEV
;
_entity_poly.pdbx_strand_id   A
#
loop_
_chem_comp.id
_chem_comp.type
_chem_comp.name
_chem_comp.formula
7WL non-polymer 3-{[2-Ethoxy-5-(trifluoromethyl)benzyl]sulfanyl}-N-(phenylsulfonyl)thiophene-2-carboxamide 'C21 H18 F3 N O4 S3'
#
# COMPACT_ATOMS: atom_id res chain seq x y z
N GLY A 1 12.46 -16.73 -6.74
CA GLY A 1 13.52 -16.43 -7.79
C GLY A 1 14.84 -15.90 -7.19
N PRO A 2 15.93 -15.85 -8.01
CA PRO A 2 17.29 -15.59 -7.44
C PRO A 2 17.60 -14.15 -7.04
N ALA A 3 18.57 -14.03 -6.14
CA ALA A 3 18.95 -12.77 -5.56
C ALA A 3 20.01 -12.13 -6.48
N ILE A 4 19.55 -11.20 -7.33
CA ILE A 4 20.41 -10.54 -8.37
C ILE A 4 21.31 -9.43 -7.77
N PRO A 5 22.65 -9.60 -7.81
CA PRO A 5 23.51 -8.52 -7.31
C PRO A 5 23.36 -7.26 -8.16
N ILE A 6 23.18 -6.12 -7.49
CA ILE A 6 23.09 -4.80 -8.14
C ILE A 6 23.85 -4.69 -9.45
N LYS A 7 25.11 -5.09 -9.42
CA LYS A 7 25.99 -5.00 -10.59
C LYS A 7 25.33 -5.63 -11.87
N HIS A 8 24.74 -6.81 -11.71
CA HIS A 8 24.18 -7.60 -12.81
C HIS A 8 22.77 -7.23 -13.24
N PHE A 9 22.10 -6.41 -12.42
CA PHE A 9 20.69 -6.13 -12.55
C PHE A 9 20.29 -5.29 -13.79
N PRO A 10 21.08 -4.25 -14.12
CA PRO A 10 20.86 -3.57 -15.39
C PRO A 10 20.72 -4.51 -16.61
N LYS A 11 21.70 -5.37 -16.84
CA LYS A 11 21.61 -6.32 -17.94
C LYS A 11 20.45 -7.30 -17.67
N HIS A 12 20.29 -7.69 -16.42
CA HIS A 12 19.19 -8.56 -16.09
C HIS A 12 17.86 -8.03 -16.61
N VAL A 13 17.62 -6.73 -16.37
CA VAL A 13 16.44 -6.03 -16.88
C VAL A 13 16.46 -5.87 -18.42
N ALA A 14 17.49 -5.22 -18.97
CA ALA A 14 17.65 -5.09 -20.44
C ALA A 14 17.34 -6.38 -21.19
N ASP A 15 17.72 -7.53 -20.59
CA ASP A 15 17.51 -8.83 -21.19
C ASP A 15 16.04 -9.04 -21.32
N LEU A 16 15.33 -9.02 -20.21
CA LEU A 16 13.89 -9.32 -20.20
C LEU A 16 13.01 -8.49 -21.14
N HIS A 17 13.37 -7.22 -21.31
CA HIS A 17 12.84 -6.41 -22.42
C HIS A 17 13.20 -7.05 -23.77
N ALA A 18 14.48 -7.01 -24.12
CA ALA A 18 14.94 -7.60 -25.38
C ALA A 18 14.48 -9.06 -25.54
N SER A 19 14.74 -9.90 -24.54
CA SER A 19 14.14 -11.23 -24.37
C SER A 19 12.61 -11.25 -24.57
N SER A 20 11.91 -10.27 -24.00
CA SER A 20 10.43 -10.21 -23.90
C SER A 20 9.86 -11.05 -22.75
N GLY A 21 10.72 -11.58 -21.87
CA GLY A 21 10.28 -12.53 -20.85
C GLY A 21 9.38 -12.02 -19.74
N PHE A 22 9.28 -10.68 -19.57
CA PHE A 22 8.45 -10.08 -18.51
C PHE A 22 7.05 -10.66 -18.40
N THR A 23 6.45 -10.96 -19.55
CA THR A 23 5.09 -11.47 -19.58
C THR A 23 5.04 -12.80 -18.87
N GLU A 24 5.81 -13.78 -19.33
CA GLU A 24 5.78 -15.11 -18.69
C GLU A 24 6.03 -15.01 -17.18
N GLU A 25 7.08 -14.30 -16.78
CA GLU A 25 7.45 -14.13 -15.35
C GLU A 25 6.25 -13.72 -14.49
N PHE A 26 5.55 -12.68 -14.98
CA PHE A 26 4.34 -12.19 -14.38
C PHE A 26 3.21 -13.24 -14.39
N GLU A 27 2.94 -13.92 -15.50
CA GLU A 27 1.99 -15.11 -15.47
C GLU A 27 2.29 -16.14 -14.36
N GLU A 28 3.58 -16.34 -14.05
CA GLU A 28 4.02 -17.25 -12.99
C GLU A 28 3.70 -16.65 -11.63
N VAL A 29 4.10 -15.39 -11.41
CA VAL A 29 3.67 -14.58 -10.27
C VAL A 29 2.15 -14.63 -10.03
N GLN A 30 1.36 -14.62 -11.10
CA GLN A 30 -0.12 -14.65 -10.96
C GLN A 30 -0.61 -16.04 -10.52
N SER A 31 -0.18 -17.08 -11.24
CA SER A 31 -0.63 -18.44 -10.91
C SER A 31 0.08 -19.08 -9.70
N CYS A 32 1.05 -18.41 -9.08
CA CYS A 32 1.86 -19.04 -8.01
C CYS A 32 1.09 -19.37 -6.73
N THR A 33 0.17 -18.45 -6.37
CA THR A 33 -0.67 -18.49 -5.15
C THR A 33 -1.74 -19.61 -5.17
N VAL A 34 -2.42 -19.76 -6.32
CA VAL A 34 -3.35 -20.89 -6.61
C VAL A 34 -4.22 -21.30 -5.38
N ASP A 35 -4.77 -20.26 -4.70
CA ASP A 35 -5.64 -20.33 -3.47
C ASP A 35 -5.16 -21.17 -2.23
N LEU A 36 -3.86 -21.53 -2.17
CA LEU A 36 -3.35 -22.67 -1.33
C LEU A 36 -3.51 -22.46 0.21
N GLY A 37 -4.59 -23.04 0.74
CA GLY A 37 -5.03 -22.85 2.11
C GLY A 37 -5.59 -21.47 2.35
N ILE A 38 -6.04 -20.78 1.28
CA ILE A 38 -6.31 -19.34 1.35
C ILE A 38 -7.79 -19.00 1.18
N THR A 39 -8.34 -18.38 2.21
CA THR A 39 -9.73 -18.13 2.30
C THR A 39 -10.05 -16.63 2.47
N ALA A 40 -11.30 -16.27 2.31
CA ALA A 40 -11.71 -14.88 2.34
C ALA A 40 -13.12 -14.71 2.89
N ASP A 41 -13.39 -15.51 3.91
CA ASP A 41 -14.76 -15.65 4.38
C ASP A 41 -15.27 -14.33 4.93
N SER A 42 -14.49 -13.67 5.80
CA SER A 42 -14.84 -12.37 6.37
C SER A 42 -15.19 -11.35 5.29
N SER A 43 -14.30 -11.23 4.30
CA SER A 43 -14.56 -10.35 3.18
C SER A 43 -15.97 -10.61 2.53
N ASN A 44 -16.44 -11.86 2.48
CA ASN A 44 -17.74 -12.20 1.86
C ASN A 44 -18.98 -12.37 2.76
N HIS A 45 -18.83 -12.02 4.05
CA HIS A 45 -19.91 -12.05 5.01
C HIS A 45 -20.82 -10.85 4.76
N PRO A 46 -22.15 -11.03 4.92
CA PRO A 46 -23.06 -9.92 4.57
C PRO A 46 -22.90 -8.66 5.40
N ASP A 47 -22.38 -8.73 6.61
CA ASP A 47 -22.22 -7.52 7.43
C ASP A 47 -21.21 -6.61 6.79
N ASN A 48 -20.23 -7.24 6.10
CA ASN A 48 -19.10 -6.53 5.51
C ASN A 48 -19.36 -6.17 4.09
N LYS A 49 -20.56 -6.48 3.62
CA LYS A 49 -20.88 -6.34 2.21
C LYS A 49 -20.58 -4.96 1.67
N HIS A 50 -20.89 -3.90 2.42
CA HIS A 50 -20.65 -2.49 2.02
C HIS A 50 -19.20 -1.96 2.27
N LYS A 51 -18.40 -2.70 2.99
CA LYS A 51 -17.05 -2.23 3.39
C LYS A 51 -15.97 -2.49 2.28
N ASN A 52 -16.34 -3.06 1.13
CA ASN A 52 -15.42 -3.47 0.07
C ASN A 52 -15.55 -2.59 -1.18
N ARG A 53 -14.61 -1.72 -1.46
CA ARG A 53 -14.72 -0.83 -2.63
C ARG A 53 -14.96 -1.55 -3.93
N TYR A 54 -14.30 -2.68 -4.07
CA TYR A 54 -14.44 -3.53 -5.26
C TYR A 54 -14.83 -4.86 -4.79
N ILE A 55 -15.68 -5.53 -5.52
CA ILE A 55 -16.29 -6.71 -4.97
C ILE A 55 -15.33 -7.90 -5.09
N ASN A 56 -14.46 -7.89 -6.13
CA ASN A 56 -13.42 -8.88 -6.36
C ASN A 56 -12.11 -8.54 -5.73
N ILE A 57 -12.06 -7.57 -4.82
CA ILE A 57 -10.82 -7.36 -4.07
C ILE A 57 -11.13 -7.63 -2.64
N VAL A 58 -10.41 -8.59 -2.10
CA VAL A 58 -10.76 -9.26 -0.89
C VAL A 58 -9.50 -9.15 0.04
N ALA A 59 -9.73 -9.25 1.35
CA ALA A 59 -8.68 -9.29 2.35
C ALA A 59 -8.54 -10.71 2.94
N TYR A 60 -7.56 -11.52 2.48
CA TYR A 60 -7.46 -12.93 2.86
C TYR A 60 -7.53 -13.14 4.38
N ASP A 61 -8.28 -14.15 4.87
CA ASP A 61 -8.51 -14.32 6.34
C ASP A 61 -7.24 -14.35 7.22
N HIS A 62 -6.20 -14.95 6.70
CA HIS A 62 -5.08 -15.28 7.60
C HIS A 62 -4.26 -14.02 7.83
N SER A 63 -4.09 -13.21 6.80
CA SER A 63 -3.31 -11.93 6.90
C SER A 63 -4.16 -10.64 7.12
N ARG A 64 -5.49 -10.75 7.23
CA ARG A 64 -6.31 -9.57 7.27
C ARG A 64 -6.11 -8.87 8.62
N VAL A 65 -6.31 -7.53 8.56
CA VAL A 65 -6.17 -6.60 9.69
C VAL A 65 -7.43 -6.62 10.50
N LYS A 66 -7.36 -7.31 11.64
CA LYS A 66 -8.53 -7.41 12.52
C LYS A 66 -8.74 -6.16 13.41
N LEU A 67 -9.97 -5.67 13.36
CA LEU A 67 -10.40 -4.65 14.28
C LEU A 67 -10.95 -5.25 15.51
N ALA A 68 -10.92 -4.49 16.59
CA ALA A 68 -11.54 -4.93 17.80
C ALA A 68 -13.02 -5.05 17.53
N GLN A 69 -13.67 -5.94 18.22
CA GLN A 69 -15.08 -6.12 18.08
C GLN A 69 -15.71 -5.15 19.02
N LEU A 70 -16.75 -4.48 18.55
CA LEU A 70 -17.68 -3.74 19.39
C LEU A 70 -19.05 -4.33 19.24
N ALA A 71 -19.88 -4.19 20.26
CA ALA A 71 -21.24 -4.69 20.27
C ALA A 71 -22.14 -3.52 19.98
N GLU A 72 -22.71 -3.45 18.78
CA GLU A 72 -23.67 -2.38 18.42
C GLU A 72 -25.06 -2.95 18.59
N LYS A 73 -26.08 -2.08 18.58
CA LYS A 73 -27.41 -2.60 18.83
C LYS A 73 -27.80 -3.39 17.58
N ASP A 74 -27.44 -2.88 16.39
CA ASP A 74 -27.64 -3.70 15.17
C ASP A 74 -27.09 -5.17 15.20
N GLY A 75 -26.15 -5.46 16.10
CA GLY A 75 -25.56 -6.78 16.25
C GLY A 75 -24.49 -7.18 15.24
N LYS A 76 -24.16 -6.31 14.29
CA LYS A 76 -23.36 -6.74 13.16
C LYS A 76 -21.89 -6.71 13.50
N LEU A 77 -21.11 -7.53 12.78
CA LEU A 77 -19.67 -7.75 13.04
C LEU A 77 -18.89 -6.51 12.75
N THR A 78 -18.00 -6.16 13.69
CA THR A 78 -17.18 -4.93 13.62
C THR A 78 -15.67 -5.21 13.52
N ASP A 79 -15.30 -6.41 13.05
CA ASP A 79 -13.87 -6.78 13.08
C ASP A 79 -13.14 -6.53 11.74
N TYR A 80 -13.82 -5.92 10.82
CA TYR A 80 -13.49 -6.03 9.43
C TYR A 80 -13.07 -4.69 8.84
N ILE A 81 -11.92 -4.75 8.15
CA ILE A 81 -11.52 -3.75 7.20
C ILE A 81 -10.71 -4.43 6.06
N ASN A 82 -10.94 -3.97 4.82
CA ASN A 82 -10.25 -4.48 3.63
C ASN A 82 -8.81 -3.96 3.64
N ALA A 83 -7.98 -4.66 4.36
CA ALA A 83 -6.60 -4.39 4.37
C ALA A 83 -5.93 -5.69 4.89
N ASN A 84 -4.66 -5.89 4.55
CA ASN A 84 -3.91 -7.06 5.04
C ASN A 84 -2.51 -6.63 5.47
N TYR A 85 -2.03 -7.25 6.51
CA TYR A 85 -0.60 -7.17 6.90
C TYR A 85 0.34 -7.76 5.84
N VAL A 86 1.39 -7.07 5.48
CA VAL A 86 2.23 -7.57 4.38
C VAL A 86 3.68 -7.42 4.82
N ASP A 87 4.47 -8.46 4.59
CA ASP A 87 5.86 -8.50 5.04
C ASP A 87 6.74 -7.50 4.32
N GLY A 88 7.77 -7.05 5.02
CA GLY A 88 8.90 -6.37 4.40
C GLY A 88 10.21 -7.16 4.46
N TYR A 89 11.27 -6.49 3.99
CA TYR A 89 12.65 -7.01 4.02
C TYR A 89 13.06 -7.13 5.48
N ASN A 90 13.47 -8.31 5.89
CA ASN A 90 13.67 -8.59 7.29
C ASN A 90 12.71 -7.87 8.24
N ARG A 91 11.43 -8.16 8.08
CA ARG A 91 10.43 -7.53 8.91
C ARG A 91 9.05 -8.09 8.67
N PRO A 92 8.66 -9.12 9.43
CA PRO A 92 7.27 -9.57 9.23
C PRO A 92 6.27 -8.45 9.46
N LYS A 93 5.20 -8.38 8.64
CA LYS A 93 4.06 -7.46 8.88
C LYS A 93 4.53 -6.00 8.94
N ALA A 94 5.46 -5.61 8.07
CA ALA A 94 5.93 -4.20 8.00
C ALA A 94 4.87 -3.19 7.53
N TYR A 95 4.01 -3.65 6.62
CA TYR A 95 3.07 -2.76 5.92
C TYR A 95 1.68 -3.20 6.29
N ILE A 96 0.75 -2.26 6.29
CA ILE A 96 -0.65 -2.59 6.04
C ILE A 96 -0.95 -2.10 4.62
N ALA A 97 -1.45 -3.01 3.79
CA ALA A 97 -1.91 -2.72 2.43
C ALA A 97 -3.44 -2.72 2.49
N ALA A 98 -4.05 -1.62 2.08
CA ALA A 98 -5.46 -1.35 2.34
C ALA A 98 -6.08 -0.70 1.16
N GLN A 99 -7.35 -0.98 0.95
CA GLN A 99 -8.08 -0.23 -0.04
C GLN A 99 -8.22 1.16 0.54
N GLY A 100 -8.33 2.15 -0.33
CA GLY A 100 -8.70 3.51 0.06
C GLY A 100 -10.09 3.51 0.69
N PRO A 101 -10.24 4.18 1.86
CA PRO A 101 -11.51 4.09 2.60
C PRO A 101 -12.64 4.63 1.81
N LEU A 102 -13.87 4.27 2.20
CA LEU A 102 -15.09 4.86 1.63
C LEU A 102 -15.60 5.94 2.56
N LYS A 103 -16.63 6.68 2.19
CA LYS A 103 -17.26 7.56 3.19
C LYS A 103 -17.62 6.68 4.36
N SER A 104 -18.18 5.52 4.10
CA SER A 104 -18.66 4.68 5.19
C SER A 104 -17.64 3.87 5.95
N THR A 105 -16.35 3.93 5.65
CA THR A 105 -15.30 3.20 6.42
C THR A 105 -14.14 4.10 6.86
N ALA A 106 -14.26 5.39 6.63
CA ALA A 106 -13.26 6.32 7.13
C ALA A 106 -13.06 6.24 8.61
N GLU A 107 -14.14 6.06 9.37
CA GLU A 107 -13.99 5.79 10.82
C GLU A 107 -13.29 4.46 11.06
N ASP A 108 -13.72 3.40 10.37
CA ASP A 108 -13.03 2.13 10.54
C ASP A 108 -11.49 2.33 10.25
N PHE A 109 -11.14 3.18 9.28
CA PHE A 109 -9.78 3.31 8.81
C PHE A 109 -8.92 3.90 9.90
N TRP A 110 -9.39 5.03 10.46
CA TRP A 110 -8.78 5.69 11.60
C TRP A 110 -8.66 4.80 12.80
N ARG A 111 -9.67 4.00 13.02
CA ARG A 111 -9.67 3.15 14.20
C ARG A 111 -8.64 2.06 13.99
N MET A 112 -8.45 1.62 12.76
CA MET A 112 -7.34 0.73 12.42
C MET A 112 -6.02 1.43 12.71
N ILE A 113 -5.89 2.69 12.27
CA ILE A 113 -4.67 3.42 12.49
C ILE A 113 -4.43 3.45 13.95
N TRP A 114 -5.50 3.62 14.71
CA TRP A 114 -5.37 3.71 16.14
C TRP A 114 -4.97 2.36 16.75
N GLU A 115 -5.76 1.34 16.49
CA GLU A 115 -5.64 0.10 17.24
C GLU A 115 -4.35 -0.63 16.92
N HIS A 116 -3.88 -0.54 15.67
CA HIS A 116 -2.65 -1.18 15.24
C HIS A 116 -1.45 -0.22 15.26
N ASN A 117 -1.56 0.86 16.05
CA ASN A 117 -0.38 1.65 16.38
C ASN A 117 0.41 2.15 15.17
N VAL A 118 -0.34 2.65 14.20
CA VAL A 118 0.19 3.29 13.01
C VAL A 118 0.46 4.81 13.20
N GLU A 119 1.64 5.21 12.67
CA GLU A 119 2.16 6.60 12.67
C GLU A 119 2.35 7.22 11.26
N VAL A 120 2.33 6.40 10.24
CA VAL A 120 2.62 6.87 8.90
C VAL A 120 1.68 6.21 7.92
N ILE A 121 1.31 6.95 6.88
CA ILE A 121 0.35 6.53 5.89
C ILE A 121 0.89 6.92 4.56
N VAL A 122 0.85 6.02 3.61
CA VAL A 122 1.27 6.29 2.27
C VAL A 122 0.10 6.18 1.30
N MET A 123 -0.22 7.31 0.66
CA MET A 123 -1.37 7.41 -0.23
C MET A 123 -0.89 7.59 -1.65
N ILE A 124 -1.33 6.68 -2.52
CA ILE A 124 -0.75 6.59 -3.85
C ILE A 124 -1.87 6.70 -4.90
N THR A 125 -2.64 7.76 -4.81
CA THR A 125 -3.72 8.02 -5.73
C THR A 125 -4.21 9.42 -5.45
N ASN A 126 -4.98 9.94 -6.40
CA ASN A 126 -5.82 11.12 -6.12
C ASN A 126 -7.20 10.62 -5.79
N LEU A 127 -8.05 11.51 -5.28
CA LEU A 127 -9.43 11.10 -4.96
C LEU A 127 -10.16 10.74 -6.25
N VAL A 128 -9.85 11.50 -7.31
CA VAL A 128 -10.39 11.32 -8.65
C VAL A 128 -9.29 11.32 -9.70
N GLU A 129 -9.39 10.42 -10.67
CA GLU A 129 -8.45 10.42 -11.84
C GLU A 129 -9.20 9.97 -13.10
N LYS A 130 -9.05 10.75 -14.18
CA LYS A 130 -9.86 10.56 -15.40
C LYS A 130 -11.37 10.56 -15.16
N GLY A 131 -11.82 11.41 -14.24
CA GLY A 131 -13.20 11.40 -13.77
C GLY A 131 -13.71 10.02 -13.38
N ARG A 132 -12.97 9.35 -12.50
CA ARG A 132 -13.47 8.20 -11.78
C ARG A 132 -13.10 8.36 -10.32
N ARG A 133 -14.08 8.13 -9.45
CA ARG A 133 -13.84 8.11 -7.98
C ARG A 133 -12.86 6.97 -7.65
N LYS A 134 -11.75 7.31 -7.01
CA LYS A 134 -10.74 6.38 -6.52
C LYS A 134 -10.82 6.20 -5.02
N CYS A 135 -10.92 7.32 -4.30
CA CYS A 135 -10.84 7.27 -2.85
C CYS A 135 -11.64 8.41 -2.30
N ASP A 136 -12.29 8.19 -1.18
CA ASP A 136 -13.08 9.23 -0.60
C ASP A 136 -12.15 9.92 0.43
N GLN A 137 -12.32 11.22 0.63
CA GLN A 137 -11.36 12.01 1.41
C GLN A 137 -11.63 11.71 2.87
N TYR A 138 -10.63 11.20 3.60
CA TYR A 138 -10.83 10.65 4.97
C TYR A 138 -10.11 11.43 6.06
N TRP A 139 -9.55 12.57 5.67
CA TRP A 139 -8.92 13.53 6.57
C TRP A 139 -9.60 14.83 6.33
N PRO A 140 -9.48 15.78 7.27
CA PRO A 140 -10.23 17.04 7.18
C PRO A 140 -9.66 18.06 6.21
N ALA A 141 -10.49 18.52 5.28
CA ALA A 141 -10.12 19.56 4.31
C ALA A 141 -9.34 20.64 5.02
N ASP A 142 -9.94 21.22 6.04
CA ASP A 142 -9.33 22.29 6.82
C ASP A 142 -9.62 22.18 8.33
N GLY A 143 -8.56 22.00 9.13
CA GLY A 143 -8.66 22.04 10.59
C GLY A 143 -8.94 20.69 11.20
N SER A 144 -10.18 20.49 11.68
CA SER A 144 -10.56 19.28 12.42
C SER A 144 -11.77 18.52 11.89
N GLU A 145 -11.76 17.18 12.02
CA GLU A 145 -12.98 16.35 11.85
C GLU A 145 -13.05 15.17 12.80
N GLU A 146 -14.26 14.87 13.21
CA GLU A 146 -14.55 13.70 14.03
C GLU A 146 -14.99 12.60 13.10
N TYR A 147 -14.43 11.42 13.29
CA TYR A 147 -14.88 10.21 12.56
C TYR A 147 -15.26 9.21 13.62
N GLY A 148 -16.51 9.30 14.05
CA GLY A 148 -16.95 8.60 15.25
C GLY A 148 -16.25 9.05 16.51
N ASN A 149 -15.55 8.09 17.11
CA ASN A 149 -14.74 8.30 18.29
C ASN A 149 -13.43 8.99 17.99
N PHE A 150 -13.11 9.11 16.70
CA PHE A 150 -11.78 9.54 16.36
C PHE A 150 -11.69 10.96 15.80
N LEU A 151 -10.94 11.76 16.53
CA LEU A 151 -10.71 13.13 16.24
C LEU A 151 -9.36 13.27 15.55
N VAL A 152 -9.42 13.78 14.33
CA VAL A 152 -8.28 14.00 13.49
C VAL A 152 -8.16 15.49 13.32
N THR A 153 -6.93 16.00 13.44
CA THR A 153 -6.65 17.45 13.31
C THR A 153 -5.53 17.67 12.30
N GLN A 154 -5.72 18.54 11.31
CA GLN A 154 -4.63 18.93 10.37
C GLN A 154 -3.77 20.07 10.86
N LYS A 155 -2.55 19.75 11.30
CA LYS A 155 -1.66 20.73 11.88
C LYS A 155 -0.68 21.33 10.88
N SER A 156 -0.25 20.62 9.83
CA SER A 156 0.36 21.27 8.64
C SER A 156 0.38 20.43 7.33
N VAL A 157 0.60 21.14 6.22
CA VAL A 157 0.67 20.60 4.87
C VAL A 157 1.79 21.23 4.06
N GLN A 158 2.79 20.45 3.72
CA GLN A 158 3.86 20.87 2.84
C GLN A 158 3.48 20.41 1.46
N VAL A 159 2.84 21.25 0.66
CA VAL A 159 2.56 20.86 -0.74
C VAL A 159 3.80 21.04 -1.63
N LEU A 160 4.40 19.94 -2.07
CA LEU A 160 5.46 19.93 -3.13
C LEU A 160 4.78 19.54 -4.43
N ALA A 161 5.50 19.52 -5.56
CA ALA A 161 4.84 19.46 -6.88
C ALA A 161 4.50 18.02 -7.28
N TYR A 162 5.26 17.08 -6.76
CA TYR A 162 5.04 15.69 -7.06
C TYR A 162 4.42 15.01 -5.91
N TYR A 163 4.27 15.73 -4.80
CA TYR A 163 3.69 15.13 -3.61
C TYR A 163 3.47 16.09 -2.46
N THR A 164 2.55 15.69 -1.59
CA THR A 164 2.06 16.53 -0.48
C THR A 164 2.17 15.77 0.86
N VAL A 165 2.60 16.48 1.92
CA VAL A 165 2.73 15.88 3.24
C VAL A 165 1.88 16.62 4.28
N ARG A 166 1.03 15.81 4.92
CA ARG A 166 -0.04 16.23 5.81
C ARG A 166 0.20 15.59 7.16
N ASN A 167 0.47 16.40 8.18
CA ASN A 167 0.72 15.90 9.53
C ASN A 167 -0.53 16.14 10.35
N PHE A 168 -1.11 15.08 10.89
CA PHE A 168 -2.28 15.25 11.71
C PHE A 168 -1.91 14.80 13.08
N THR A 169 -2.83 15.06 14.00
CA THR A 169 -2.91 14.44 15.32
C THR A 169 -4.16 13.57 15.25
N LEU A 170 -4.08 12.37 15.82
CA LEU A 170 -5.18 11.42 15.95
C LEU A 170 -5.51 11.27 17.43
N ARG A 171 -6.78 11.41 17.76
CA ARG A 171 -7.20 11.25 19.13
C ARG A 171 -8.42 10.34 19.29
N ASN A 172 -8.45 9.63 20.39
CA ASN A 172 -9.57 8.82 20.75
C ASN A 172 -10.21 9.47 21.94
N THR A 173 -11.45 9.88 21.71
CA THR A 173 -12.23 10.74 22.57
C THR A 173 -13.22 9.96 23.45
N LYS A 174 -12.94 8.67 23.67
CA LYS A 174 -13.62 7.86 24.69
C LYS A 174 -12.80 7.77 26.02
N ILE A 175 -11.48 7.99 25.99
CA ILE A 175 -10.71 8.11 27.26
C ILE A 175 -11.36 9.08 28.31
N ARG A 187 -1.56 11.39 19.47
CA ARG A 187 -0.60 10.70 18.60
C ARG A 187 -0.48 11.36 17.22
N VAL A 188 0.73 11.39 16.68
CA VAL A 188 1.01 11.92 15.34
C VAL A 188 0.93 10.84 14.28
N VAL A 189 0.31 11.21 13.15
CA VAL A 189 0.28 10.39 11.94
C VAL A 189 0.71 11.22 10.76
N THR A 190 1.76 10.82 10.06
CA THR A 190 2.17 11.57 8.89
C THR A 190 1.74 10.83 7.60
N GLN A 191 1.06 11.58 6.73
CA GLN A 191 0.59 11.08 5.46
C GLN A 191 1.43 11.60 4.31
N TYR A 192 1.98 10.71 3.51
CA TYR A 192 2.71 11.10 2.33
C TYR A 192 1.84 10.73 1.20
N HIS A 193 1.40 11.73 0.43
CA HIS A 193 0.43 11.57 -0.63
C HIS A 193 1.03 12.08 -1.93
N TYR A 194 1.34 11.14 -2.80
CA TYR A 194 1.85 11.40 -4.13
C TYR A 194 0.72 11.88 -4.96
N THR A 195 0.91 12.97 -5.69
CA THR A 195 -0.19 13.56 -6.43
C THR A 195 -0.04 13.65 -7.96
N GLN A 196 1.15 13.38 -8.54
CA GLN A 196 1.35 13.50 -10.04
C GLN A 196 0.87 12.30 -10.81
N TRP A 197 -0.37 12.37 -11.22
CA TRP A 197 -1.05 11.27 -11.82
C TRP A 197 -1.51 11.73 -13.17
N PRO A 198 -0.92 11.20 -14.23
CA PRO A 198 -1.09 11.91 -15.49
C PRO A 198 -2.53 11.71 -16.02
N ASP A 199 -3.05 12.73 -16.67
CA ASP A 199 -4.40 12.62 -17.20
C ASP A 199 -4.33 11.95 -18.56
N MET A 200 -3.33 12.35 -19.36
CA MET A 200 -2.96 11.61 -20.56
C MET A 200 -1.83 10.65 -20.26
N GLY A 201 -1.96 9.42 -20.77
CA GLY A 201 -0.88 8.43 -20.79
C GLY A 201 -0.88 7.42 -19.66
N VAL A 202 0.31 6.95 -19.31
CA VAL A 202 0.50 6.05 -18.18
C VAL A 202 1.80 6.43 -17.44
N PRO A 203 1.88 6.09 -16.17
CA PRO A 203 2.99 6.45 -15.29
C PRO A 203 4.34 5.89 -15.70
N GLU A 204 5.45 6.53 -15.30
CA GLU A 204 6.80 6.03 -15.65
C GLU A 204 8.05 6.62 -14.95
N TYR A 205 8.05 7.93 -14.71
CA TYR A 205 9.30 8.72 -14.53
C TYR A 205 9.92 8.64 -13.14
N SER A 206 11.21 8.39 -13.11
CA SER A 206 11.90 7.95 -11.88
C SER A 206 12.13 9.01 -10.76
N LEU A 207 12.86 10.08 -11.02
CA LEU A 207 13.54 10.79 -9.92
C LEU A 207 12.71 11.03 -8.64
N PRO A 208 11.53 11.66 -8.75
CA PRO A 208 10.75 12.09 -7.59
C PRO A 208 9.92 10.95 -6.99
N VAL A 209 9.47 10.02 -7.81
CA VAL A 209 8.97 8.75 -7.33
C VAL A 209 9.98 8.17 -6.35
N LEU A 210 11.26 8.10 -6.73
CA LEU A 210 12.24 7.54 -5.79
C LEU A 210 12.42 8.41 -4.58
N THR A 211 12.45 9.71 -4.80
CA THR A 211 12.60 10.67 -3.73
C THR A 211 11.49 10.41 -2.74
N PHE A 212 10.25 10.41 -3.27
CA PHE A 212 9.01 10.15 -2.51
C PHE A 212 9.17 8.96 -1.64
N VAL A 213 9.74 7.92 -2.21
CA VAL A 213 9.89 6.68 -1.51
C VAL A 213 11.00 6.81 -0.49
N ARG A 214 12.07 7.50 -0.89
CA ARG A 214 13.15 7.76 0.02
C ARG A 214 12.70 8.59 1.22
N LYS A 215 11.87 9.62 1.00
CA LYS A 215 11.49 10.44 2.16
C LYS A 215 10.50 9.68 3.02
N ALA A 216 9.60 8.95 2.37
CA ALA A 216 8.77 8.07 3.15
C ALA A 216 9.62 7.02 3.90
N ALA A 217 10.65 6.46 3.26
CA ALA A 217 11.36 5.34 3.93
C ALA A 217 12.03 5.87 5.18
N TYR A 218 12.52 7.12 5.08
CA TYR A 218 13.09 7.87 6.21
C TYR A 218 12.12 8.14 7.37
N ALA A 219 10.93 8.64 7.05
CA ALA A 219 9.97 9.04 8.07
C ALA A 219 9.44 7.90 8.90
N LYS A 220 9.41 6.70 8.32
CA LYS A 220 8.97 5.51 9.04
C LYS A 220 10.11 4.61 9.50
N ARG A 221 11.36 5.02 9.30
CA ARG A 221 12.53 4.18 9.62
C ARG A 221 12.60 3.78 11.08
N HIS A 222 11.98 4.58 11.97
CA HIS A 222 11.94 4.27 13.40
C HIS A 222 10.62 3.80 13.94
N ALA A 223 9.59 3.81 13.09
CA ALA A 223 8.19 3.57 13.52
C ALA A 223 8.00 2.09 13.96
N VAL A 224 7.64 1.88 15.22
CA VAL A 224 7.48 0.55 15.78
C VAL A 224 6.33 -0.12 15.04
N GLY A 225 5.30 0.67 14.73
CA GLY A 225 4.15 0.15 14.03
C GLY A 225 4.33 -0.07 12.54
N PRO A 226 3.35 -0.70 11.92
CA PRO A 226 3.37 -0.74 10.49
C PRO A 226 2.96 0.57 9.86
N VAL A 227 3.21 0.67 8.56
CA VAL A 227 2.86 1.82 7.77
C VAL A 227 1.70 1.48 6.87
N VAL A 228 0.78 2.43 6.69
CA VAL A 228 -0.35 2.14 5.84
C VAL A 228 -0.02 2.50 4.39
N VAL A 229 -0.29 1.61 3.45
CA VAL A 229 -0.16 1.88 2.04
C VAL A 229 -1.56 1.59 1.50
N HIS A 230 -2.01 2.52 0.67
CA HIS A 230 -3.33 2.49 0.15
C HIS A 230 -3.34 3.30 -1.09
N CYS A 231 -4.03 2.74 -2.06
CA CYS A 231 -4.27 3.34 -3.33
C CYS A 231 -5.82 3.38 -3.41
N SER A 232 -6.42 2.77 -4.41
CA SER A 232 -7.85 2.73 -4.52
C SER A 232 -8.29 1.36 -4.02
N ALA A 233 -7.98 0.31 -4.78
CA ALA A 233 -8.24 -1.05 -4.35
C ALA A 233 -7.18 -1.49 -3.35
N GLY A 234 -5.99 -0.90 -3.44
CA GLY A 234 -4.95 -1.09 -2.46
C GLY A 234 -4.11 -2.34 -2.80
N VAL A 235 -3.85 -2.52 -4.09
CA VAL A 235 -3.20 -3.72 -4.61
C VAL A 235 -2.14 -3.33 -5.67
N GLY A 236 -2.54 -2.71 -6.77
CA GLY A 236 -1.57 -2.37 -7.84
C GLY A 236 -0.46 -1.46 -7.34
N ARG A 237 -0.78 -0.18 -7.19
CA ARG A 237 0.21 0.82 -6.75
C ARG A 237 0.76 0.51 -5.36
N THR A 238 -0.16 0.12 -4.48
CA THR A 238 0.19 -0.21 -3.13
C THR A 238 1.24 -1.26 -3.16
N GLY A 239 0.98 -2.27 -3.98
CA GLY A 239 1.98 -3.28 -4.15
C GLY A 239 3.22 -2.69 -4.79
N THR A 240 3.05 -1.94 -5.86
CA THR A 240 4.23 -1.43 -6.54
C THR A 240 5.22 -0.78 -5.55
N TYR A 241 4.66 -0.08 -4.57
CA TYR A 241 5.41 0.61 -3.54
C TYR A 241 6.05 -0.27 -2.53
N ILE A 242 5.25 -1.16 -1.98
CA ILE A 242 5.79 -2.17 -1.04
C ILE A 242 7.09 -2.85 -1.53
N VAL A 243 7.14 -3.17 -2.82
CA VAL A 243 8.26 -3.81 -3.46
C VAL A 243 9.42 -2.82 -3.58
N LEU A 244 9.22 -1.73 -4.34
CA LEU A 244 10.23 -0.72 -4.38
C LEU A 244 10.80 -0.45 -2.98
N ASP A 245 9.94 -0.35 -1.97
CA ASP A 245 10.43 0.00 -0.64
C ASP A 245 11.38 -1.03 -0.07
N SER A 246 10.93 -2.25 -0.10
CA SER A 246 11.68 -3.37 0.42
C SER A 246 12.93 -3.60 -0.40
N MET A 247 12.84 -3.57 -1.71
CA MET A 247 14.00 -3.74 -2.56
C MET A 247 15.05 -2.62 -2.40
N LEU A 248 14.68 -1.39 -2.09
CA LEU A 248 15.69 -0.35 -1.74
C LEU A 248 16.40 -0.64 -0.45
N GLN A 249 15.71 -1.34 0.44
CA GLN A 249 16.27 -1.83 1.68
C GLN A 249 17.27 -2.92 1.40
N GLN A 250 16.82 -4.06 0.84
CA GLN A 250 17.69 -5.23 0.48
C GLN A 250 18.87 -4.85 -0.39
N ILE A 251 18.62 -3.99 -1.35
CA ILE A 251 19.69 -3.41 -2.13
C ILE A 251 20.69 -2.78 -1.17
N GLN A 252 20.20 -1.92 -0.31
CA GLN A 252 21.07 -1.24 0.62
C GLN A 252 21.74 -2.18 1.65
N HIS A 253 21.03 -3.14 2.21
CA HIS A 253 21.66 -4.06 3.19
C HIS A 253 22.39 -5.31 2.65
N GLU A 254 22.19 -5.72 1.41
CA GLU A 254 22.98 -6.83 0.82
C GLU A 254 23.47 -6.62 -0.60
N GLY A 255 23.10 -5.49 -1.23
CA GLY A 255 23.38 -5.26 -2.64
C GLY A 255 22.87 -6.32 -3.60
N THR A 256 21.75 -6.96 -3.26
CA THR A 256 21.06 -7.87 -4.16
C THR A 256 19.67 -7.35 -4.32
N VAL A 257 18.98 -7.80 -5.35
CA VAL A 257 17.61 -7.41 -5.57
C VAL A 257 16.76 -8.59 -6.06
N ASN A 258 15.70 -8.91 -5.30
CA ASN A 258 14.84 -10.05 -5.59
C ASN A 258 13.37 -9.66 -5.69
N ILE A 259 13.01 -9.10 -6.84
CA ILE A 259 11.66 -8.70 -7.09
C ILE A 259 10.80 -9.93 -7.19
N PHE A 260 11.05 -10.77 -8.19
CA PHE A 260 10.25 -11.97 -8.48
C PHE A 260 9.93 -12.79 -7.27
N GLY A 261 10.90 -12.95 -6.40
CA GLY A 261 10.74 -13.84 -5.27
C GLY A 261 10.05 -13.18 -4.14
N PHE A 262 10.29 -11.89 -3.97
CA PHE A 262 9.61 -11.14 -2.95
C PHE A 262 8.15 -10.87 -3.31
N LEU A 263 7.81 -10.73 -4.58
CA LEU A 263 6.42 -10.40 -4.92
C LEU A 263 5.60 -11.64 -4.76
N LYS A 264 6.13 -12.75 -5.27
CA LYS A 264 5.47 -14.03 -5.10
C LYS A 264 5.20 -14.27 -3.64
N HIS A 265 6.11 -13.84 -2.76
CA HIS A 265 5.86 -14.03 -1.33
C HIS A 265 4.62 -13.26 -0.84
N ILE A 266 4.55 -12.00 -1.17
CA ILE A 266 3.49 -11.11 -0.68
C ILE A 266 2.16 -11.34 -1.40
N ARG A 267 2.15 -11.96 -2.58
CA ARG A 267 0.88 -12.28 -3.18
C ARG A 267 0.09 -13.28 -2.30
N SER A 268 0.80 -13.95 -1.39
CA SER A 268 0.17 -14.88 -0.45
C SER A 268 -0.54 -14.18 0.68
N GLN A 269 -0.29 -12.87 0.83
CA GLN A 269 -0.83 -12.05 1.93
C GLN A 269 -1.88 -11.10 1.50
N ARG A 270 -1.78 -10.59 0.28
CA ARG A 270 -2.92 -9.86 -0.33
C ARG A 270 -3.08 -10.15 -1.83
N ASN A 271 -4.31 -10.49 -2.24
CA ASN A 271 -4.64 -10.64 -3.65
C ASN A 271 -4.14 -9.48 -4.56
N TYR A 272 -3.53 -9.86 -5.67
CA TYR A 272 -3.17 -8.97 -6.80
C TYR A 272 -2.14 -7.86 -6.55
N LEU A 273 -1.47 -7.84 -5.41
CA LEU A 273 -0.41 -6.86 -5.18
C LEU A 273 0.43 -6.71 -6.42
N VAL A 274 0.69 -5.49 -6.87
CA VAL A 274 1.22 -5.29 -8.23
C VAL A 274 0.29 -5.95 -9.26
N GLN A 275 -0.62 -5.15 -9.80
CA GLN A 275 -1.81 -5.69 -10.48
C GLN A 275 -1.58 -6.09 -11.95
N THR A 276 -0.71 -5.34 -12.62
CA THR A 276 -0.43 -5.53 -14.02
C THR A 276 1.04 -5.63 -14.30
N GLU A 277 1.31 -6.16 -15.48
CA GLU A 277 2.63 -6.15 -16.09
C GLU A 277 3.37 -4.81 -16.11
N GLU A 278 2.66 -3.72 -16.41
CA GLU A 278 3.30 -2.40 -16.58
C GLU A 278 3.92 -1.96 -15.24
N GLN A 279 3.30 -2.40 -14.17
CA GLN A 279 3.69 -2.00 -12.86
C GLN A 279 4.91 -2.75 -12.57
N TYR A 280 4.79 -4.05 -12.83
CA TYR A 280 5.87 -5.03 -12.69
C TYR A 280 7.14 -4.52 -13.36
N VAL A 281 7.03 -4.14 -14.62
CA VAL A 281 8.16 -3.62 -15.35
C VAL A 281 8.61 -2.33 -14.71
N PHE A 282 7.67 -1.40 -14.61
CA PHE A 282 7.89 -0.16 -13.91
C PHE A 282 8.81 -0.36 -12.75
N ILE A 283 8.53 -1.32 -11.91
CA ILE A 283 9.39 -1.58 -10.78
C ILE A 283 10.85 -1.84 -11.19
N HIS A 284 11.05 -2.76 -12.12
CA HIS A 284 12.39 -3.07 -12.58
C HIS A 284 13.07 -1.84 -13.13
N ASP A 285 12.47 -1.17 -14.10
CA ASP A 285 13.10 0.02 -14.70
C ASP A 285 13.42 1.03 -13.69
N THR A 286 12.48 1.31 -12.78
CA THR A 286 12.72 2.31 -11.74
C THR A 286 13.92 1.99 -10.86
N LEU A 287 14.06 0.72 -10.51
CA LEU A 287 15.13 0.32 -9.62
C LEU A 287 16.47 0.40 -10.32
N VAL A 288 16.50 -0.02 -11.58
CA VAL A 288 17.70 0.14 -12.39
C VAL A 288 18.25 1.53 -12.20
N GLU A 289 17.35 2.51 -12.37
CA GLU A 289 17.74 3.89 -12.35
C GLU A 289 18.27 4.24 -10.96
N ALA A 290 17.50 3.87 -9.95
CA ALA A 290 17.80 4.22 -8.55
C ALA A 290 19.25 4.02 -8.20
N ILE A 291 19.80 2.97 -8.76
CA ILE A 291 21.14 2.54 -8.46
C ILE A 291 22.12 3.56 -9.01
N LEU A 292 21.96 3.85 -10.30
CA LEU A 292 22.89 4.62 -11.11
C LEU A 292 23.09 6.02 -10.53
N SER A 293 24.04 6.07 -9.60
CA SER A 293 24.30 7.18 -8.71
C SER A 293 25.50 6.81 -7.82
C17 7WL B . -3.72 -1.12 -11.86
C18 7WL B . -3.67 -0.82 -10.48
C19 7WL B . -3.34 0.47 -10.02
C20 7WL B . -3.05 1.46 -11.00
N1 7WL B . -1.05 2.09 -13.70
F3 7WL B . 4.52 4.92 -4.71
C8 7WL B . 5.01 4.29 -5.77
F1 7WL B . 4.44 3.07 -5.82
F2 7WL B . 6.33 4.22 -5.66
C1 7WL B . 4.61 4.99 -7.04
C2 7WL B . 4.40 4.23 -8.21
C6 7WL B . 4.44 6.37 -7.07
C5 7WL B . 4.06 6.98 -8.26
C4 7WL B . 3.83 6.23 -9.42
O1 7WL B . 3.42 6.77 -10.62
C7 7WL B . 3.37 8.20 -10.82
C21 7WL B . 3.41 8.52 -12.31
C3 7WL B . 4.00 4.85 -9.38
C9 7WL B . 3.80 3.97 -10.58
S1 7WL B . 2.11 3.42 -10.91
C10 7WL B . 2.30 2.69 -12.49
C11 7WL B . 3.47 2.41 -13.17
C12 7WL B . 3.26 1.87 -14.42
S2 7WL B . 1.57 1.66 -14.78
C13 7WL B . 1.19 2.33 -13.20
C14 7WL B . -0.15 2.47 -12.76
O2 7WL B . -0.52 2.94 -11.68
S3 7WL B . -2.69 2.42 -13.51
O4 7WL B . -3.24 2.20 -14.86
O3 7WL B . -2.90 3.69 -12.83
C15 7WL B . -3.11 1.15 -12.38
C16 7WL B . -3.43 -0.14 -12.84
#